data_7WJL
#
_entry.id   7WJL
#
_cell.length_a   124.542
_cell.length_b   124.542
_cell.length_c   124.542
_cell.angle_alpha   90.000
_cell.angle_beta   90.000
_cell.angle_gamma   90.000
#
_symmetry.space_group_name_H-M   'P 2 3'
#
loop_
_entity.id
_entity.type
_entity.pdbx_description
1 polymer 'Histone deacetylase HOS3'
2 non-polymer 'ZINC ION'
3 non-polymer 'ACETATE ION'
4 water water
#
_entity_poly.entity_id   1
_entity_poly.type   'polypeptide(L)'
_entity_poly.pdbx_seq_one_letter_code
;AQIPESAKAVVVLSPYSLQHVFPREWVTKSYRKTIVERPERLLASSMGISAAITMYPSLFTLKSSHQRKGSLMAPHVLKV
HGSSWPAELIELCQMADAKLLKGEIEVPDTWNSGDIYLSSKTIKALQGTIGAIETGVDSIFKGPSAEHISNRAFVAIRPP
GHHCHYGTPSGFCLLNNAHVAIEYAYDTYNVTHVVVLDFDLHHGDGTQDICWKRAGFKPEEEPEDSSYDDFGKKFAEFPK
VGYFSMHDINSFPTESGFATKENIKNASTCIMNSHDLNIWNIHLSKWTTEEEFNVLYRTKYRTLFAKADEFFRSAKLEMN
QQGRPFKGLVVISAGFDASEFEQTSMQRHSVNVPTSFYTTFTKDALKLAQMHCHGKVLSLMEGGYSDKAICSGVFAHLIG
LQNQDWVKEWGSEQVVKEIVRGCKPAWKPYKTKRAKDVIRIWAEEVIRLGRAMIPEFDDIIFKDAVNSAPSNSLLKA
;
_entity_poly.pdbx_strand_id   A
#
loop_
_chem_comp.id
_chem_comp.type
_chem_comp.name
_chem_comp.formula
ACT non-polymer 'ACETATE ION' 'C2 H3 O2 -1'
ZN non-polymer 'ZINC ION' 'Zn 2'
#
# COMPACT_ATOMS: atom_id res chain seq x y z
N ALA A 1 -0.99 9.42 31.93
CA ALA A 1 -2.18 9.46 31.10
C ALA A 1 -3.18 8.38 31.55
N GLN A 2 -4.08 7.97 30.65
CA GLN A 2 -4.93 6.78 30.85
C GLN A 2 -4.67 5.74 29.77
N ILE A 3 -4.80 6.10 28.50
CA ILE A 3 -4.44 5.19 27.41
C ILE A 3 -2.92 5.23 27.22
N PRO A 4 -2.22 4.12 27.37
CA PRO A 4 -0.75 4.15 27.21
C PRO A 4 -0.34 4.28 25.75
N GLU A 5 0.84 4.87 25.54
CA GLU A 5 1.29 5.12 24.18
C GLU A 5 1.36 3.82 23.37
N SER A 6 1.74 2.71 24.00
CA SER A 6 1.88 1.45 23.26
C SER A 6 0.53 0.97 22.71
N ALA A 7 -0.58 1.37 23.35
CA ALA A 7 -1.91 1.00 22.89
C ALA A 7 -2.36 1.82 21.68
N LYS A 8 -1.61 2.84 21.28
CA LYS A 8 -2.01 3.66 20.15
C LYS A 8 -1.41 3.11 18.86
N ALA A 9 -2.12 3.34 17.76
CA ALA A 9 -1.61 3.00 16.44
C ALA A 9 -0.77 4.15 15.91
N VAL A 10 0.34 3.81 15.27
CA VAL A 10 1.26 4.80 14.70
C VAL A 10 0.86 5.12 13.26
N VAL A 11 0.79 6.41 12.95
CA VAL A 11 0.60 6.90 11.60
C VAL A 11 1.90 7.55 11.16
N VAL A 12 2.48 7.05 10.09
CA VAL A 12 3.78 7.53 9.63
C VAL A 12 3.54 8.44 8.43
N LEU A 13 4.00 9.68 8.55
CA LEU A 13 3.92 10.67 7.48
C LEU A 13 5.25 10.68 6.73
N SER A 14 5.19 10.90 5.42
CA SER A 14 6.35 10.75 4.54
C SER A 14 6.56 12.01 3.71
N PRO A 15 7.20 13.04 4.27
CA PRO A 15 7.25 14.32 3.56
C PRO A 15 8.03 14.24 2.26
N TYR A 16 9.06 13.38 2.17
CA TYR A 16 9.78 13.24 0.90
C TYR A 16 8.91 12.64 -0.21
N SER A 17 7.94 11.78 0.12
CA SER A 17 7.06 11.25 -0.92
C SER A 17 6.35 12.34 -1.72
N LEU A 18 6.30 13.58 -1.22
CA LEU A 18 5.63 14.63 -1.96
C LEU A 18 6.39 15.04 -3.21
N GLN A 19 7.66 14.70 -3.32
CA GLN A 19 8.51 15.29 -4.33
C GLN A 19 8.37 14.64 -5.70
N HIS A 20 7.92 13.39 -5.74
CA HIS A 20 7.71 12.66 -6.98
C HIS A 20 6.46 13.20 -7.67
N VAL A 21 6.64 13.86 -8.82
CA VAL A 21 5.50 14.50 -9.48
C VAL A 21 5.65 14.40 -10.99
N PHE A 22 4.50 14.23 -11.65
CA PHE A 22 4.48 14.17 -13.11
C PHE A 22 5.20 15.39 -13.67
N PRO A 23 6.14 15.20 -14.60
CA PRO A 23 7.06 16.29 -14.94
C PRO A 23 6.93 16.87 -16.34
N ARG A 24 6.20 16.21 -17.24
CA ARG A 24 6.15 16.63 -18.64
C ARG A 24 5.32 17.90 -18.84
N GLU A 25 5.98 19.06 -18.80
CA GLU A 25 5.29 20.34 -18.72
C GLU A 25 4.69 20.80 -20.05
N TRP A 26 4.74 19.97 -21.08
CA TRP A 26 4.28 20.37 -22.41
C TRP A 26 2.94 19.74 -22.79
N VAL A 27 2.22 19.16 -21.84
CA VAL A 27 0.98 18.47 -22.17
C VAL A 27 -0.20 19.41 -21.90
N THR A 28 -1.33 19.07 -22.50
CA THR A 28 -2.57 19.77 -22.21
C THR A 28 -2.84 19.73 -20.71
N LYS A 29 -3.37 20.83 -20.16
CA LYS A 29 -3.76 20.81 -18.76
C LYS A 29 -4.95 19.90 -18.50
N SER A 30 -5.58 19.37 -19.55
CA SER A 30 -6.61 18.36 -19.38
C SER A 30 -5.99 16.96 -19.29
N TYR A 31 -5.10 16.63 -20.23
CA TYR A 31 -4.29 15.42 -20.08
C TYR A 31 -3.59 15.40 -18.73
N ARG A 32 -3.10 16.56 -18.27
CA ARG A 32 -2.41 16.64 -17.00
C ARG A 32 -3.32 16.19 -15.85
N LYS A 33 -4.63 16.42 -15.96
CA LYS A 33 -5.51 15.98 -14.89
C LYS A 33 -5.83 14.48 -14.96
N THR A 34 -5.45 13.89 -16.09
CA THR A 34 -5.62 12.45 -16.33
C THR A 34 -4.65 11.68 -15.43
N ILE A 35 -3.55 12.32 -15.02
CA ILE A 35 -2.49 11.70 -14.24
C ILE A 35 -2.92 11.66 -12.77
N VAL A 36 -3.31 10.48 -12.30
CA VAL A 36 -3.98 10.40 -11.01
C VAL A 36 -2.99 10.19 -9.87
N GLU A 37 -1.85 9.55 -10.13
CA GLU A 37 -0.85 9.34 -9.10
C GLU A 37 -0.02 10.62 -8.98
N ARG A 38 -0.27 11.39 -7.92
CA ARG A 38 0.25 12.75 -7.79
C ARG A 38 0.44 13.08 -6.32
N PRO A 39 1.23 14.12 -6.00
CA PRO A 39 1.48 14.46 -4.59
C PRO A 39 0.22 14.78 -3.80
N GLU A 40 -0.79 15.37 -4.44
CA GLU A 40 -2.02 15.73 -3.75
C GLU A 40 -2.70 14.56 -3.08
N ARG A 41 -2.36 13.33 -3.47
CA ARG A 41 -2.93 12.17 -2.80
C ARG A 41 -2.58 12.18 -1.31
N LEU A 42 -1.38 12.66 -0.96
CA LEU A 42 -0.97 12.70 0.45
C LEU A 42 -1.75 13.74 1.23
N LEU A 43 -2.15 14.84 0.58
CA LEU A 43 -3.03 15.78 1.24
C LEU A 43 -4.38 15.13 1.57
N ALA A 44 -4.94 14.37 0.62
CA ALA A 44 -6.19 13.67 0.90
C ALA A 44 -6.01 12.61 1.98
N SER A 45 -4.91 11.84 1.93
CA SER A 45 -4.68 10.86 2.99
C SER A 45 -4.54 11.55 4.36
N SER A 46 -3.91 12.73 4.39
CA SER A 46 -3.89 13.50 5.64
C SER A 46 -5.28 13.93 6.11
N MET A 47 -6.21 14.18 5.19
CA MET A 47 -7.59 14.46 5.62
C MET A 47 -8.20 13.25 6.30
N GLY A 48 -8.01 12.06 5.75
CA GLY A 48 -8.51 10.85 6.41
C GLY A 48 -7.87 10.67 7.78
N ILE A 49 -6.55 10.84 7.85
CA ILE A 49 -5.85 10.73 9.12
C ILE A 49 -6.43 11.72 10.11
N SER A 50 -6.57 12.98 9.69
CA SER A 50 -7.13 14.00 10.54
C SER A 50 -8.53 13.62 11.03
N ALA A 51 -9.37 13.08 10.16
CA ALA A 51 -10.71 12.67 10.57
C ALA A 51 -10.65 11.62 11.67
N ALA A 52 -9.79 10.61 11.52
CA ALA A 52 -9.72 9.57 12.53
C ALA A 52 -9.27 10.14 13.87
N ILE A 53 -8.24 10.98 13.85
CA ILE A 53 -7.72 11.59 15.07
C ILE A 53 -8.73 12.53 15.71
N THR A 54 -9.56 13.19 14.91
CA THR A 54 -10.56 14.08 15.50
C THR A 54 -11.65 13.26 16.19
N MET A 55 -12.04 12.14 15.61
CA MET A 55 -13.02 11.27 16.28
C MET A 55 -12.42 10.63 17.50
N TYR A 56 -11.15 10.22 17.44
CA TYR A 56 -10.51 9.47 18.53
C TYR A 56 -9.16 10.08 18.85
N PRO A 57 -9.14 11.21 19.56
CA PRO A 57 -7.87 11.92 19.79
C PRO A 57 -6.87 11.14 20.61
N SER A 58 -7.29 10.13 21.35
CA SER A 58 -6.39 9.39 22.22
C SER A 58 -5.91 8.07 21.62
N LEU A 59 -6.28 7.74 20.38
CA LEU A 59 -5.99 6.41 19.86
C LEU A 59 -4.89 6.35 18.82
N PHE A 60 -4.35 7.50 18.40
CA PHE A 60 -3.34 7.50 17.33
C PHE A 60 -2.16 8.38 17.73
N THR A 61 -0.99 8.04 17.15
CA THR A 61 0.24 8.79 17.30
C THR A 61 0.74 9.13 15.90
N LEU A 62 0.94 10.41 15.61
CA LEU A 62 1.50 10.84 14.34
C LEU A 62 3.02 10.81 14.43
N LYS A 63 3.66 10.23 13.43
CA LYS A 63 5.11 10.18 13.39
C LYS A 63 5.57 10.53 11.98
N SER A 64 6.48 11.48 11.87
CA SER A 64 7.05 11.84 10.59
C SER A 64 8.41 11.18 10.45
N SER A 65 8.64 10.56 9.29
CA SER A 65 9.97 10.09 8.98
C SER A 65 10.94 11.24 8.71
N HIS A 66 10.43 12.47 8.60
CA HIS A 66 11.24 13.66 8.34
C HIS A 66 12.24 13.44 7.22
N GLN A 67 13.53 13.50 7.52
CA GLN A 67 14.55 13.37 6.50
C GLN A 67 15.24 12.02 6.53
N ARG A 68 14.66 11.04 7.22
CA ARG A 68 15.24 9.70 7.22
C ARG A 68 15.14 9.09 5.83
N LYS A 69 16.26 8.55 5.36
CA LYS A 69 16.34 7.97 4.03
C LYS A 69 16.77 6.51 4.15
N GLY A 70 16.29 5.68 3.22
CA GLY A 70 16.88 4.38 2.96
C GLY A 70 17.55 4.42 1.59
N SER A 71 18.58 3.59 1.41
CA SER A 71 19.31 3.57 0.16
C SER A 71 18.62 2.65 -0.86
N LEU A 72 18.61 3.10 -2.12
CA LEU A 72 18.19 2.21 -3.18
C LEU A 72 19.16 1.03 -3.33
N MET A 73 20.31 1.07 -2.68
CA MET A 73 21.28 -0.03 -2.59
C MET A 73 21.17 -0.83 -1.29
N ALA A 74 20.28 -0.46 -0.38
CA ALA A 74 20.12 -1.19 0.87
C ALA A 74 19.78 -2.64 0.58
N PRO A 75 20.14 -3.56 1.49
CA PRO A 75 19.78 -4.98 1.26
C PRO A 75 18.29 -5.22 1.13
N HIS A 76 17.44 -4.46 1.84
CA HIS A 76 16.02 -4.69 1.67
C HIS A 76 15.48 -4.12 0.35
N VAL A 77 16.30 -3.52 -0.48
CA VAL A 77 15.94 -3.25 -1.86
C VAL A 77 16.62 -4.25 -2.80
N LEU A 78 17.94 -4.39 -2.69
CA LEU A 78 18.68 -5.30 -3.57
C LEU A 78 18.11 -6.72 -3.53
N LYS A 79 17.76 -7.23 -2.36
CA LYS A 79 17.24 -8.59 -2.25
C LYS A 79 15.80 -8.72 -2.70
N VAL A 80 15.10 -7.59 -2.87
CA VAL A 80 13.76 -7.63 -3.44
C VAL A 80 13.81 -7.46 -4.95
N HIS A 81 14.67 -6.58 -5.44
CA HIS A 81 14.58 -6.16 -6.82
C HIS A 81 15.80 -6.53 -7.63
N GLY A 82 16.83 -7.14 -7.03
CA GLY A 82 18.09 -7.30 -7.71
C GLY A 82 18.86 -5.99 -7.70
N SER A 83 20.02 -6.00 -8.35
CA SER A 83 20.81 -4.78 -8.47
C SER A 83 20.64 -4.10 -9.81
N SER A 84 20.02 -4.77 -10.78
CA SER A 84 19.97 -4.18 -12.12
C SER A 84 18.86 -3.14 -12.22
N TRP A 85 17.66 -3.47 -11.73
CA TRP A 85 16.57 -2.49 -11.73
C TRP A 85 16.89 -1.26 -10.90
N PRO A 86 17.33 -1.38 -9.64
CA PRO A 86 17.69 -0.15 -8.89
C PRO A 86 18.67 0.75 -9.63
N ALA A 87 19.74 0.19 -10.20
CA ALA A 87 20.72 0.98 -10.93
C ALA A 87 20.14 1.56 -12.22
N GLU A 88 19.26 0.81 -12.90
CA GLU A 88 18.62 1.37 -14.09
C GLU A 88 17.66 2.48 -13.71
N LEU A 89 16.94 2.30 -12.60
CA LEU A 89 16.06 3.36 -12.12
C LEU A 89 16.85 4.64 -11.86
N ILE A 90 18.00 4.54 -11.20
CA ILE A 90 18.79 5.72 -10.85
C ILE A 90 19.31 6.38 -12.13
N GLU A 91 19.70 5.57 -13.11
CA GLU A 91 20.17 6.11 -14.37
C GLU A 91 19.07 6.91 -15.07
N LEU A 92 17.89 6.31 -15.18
CA LEU A 92 16.77 7.00 -15.84
C LEU A 92 16.49 8.34 -15.18
N CYS A 93 16.44 8.37 -13.85
CA CYS A 93 16.17 9.61 -13.15
C CYS A 93 17.24 10.65 -13.40
N GLN A 94 18.49 10.22 -13.54
CA GLN A 94 19.60 11.15 -13.68
C GLN A 94 19.68 11.73 -15.08
N MET A 95 19.04 11.10 -16.05
CA MET A 95 18.98 11.61 -17.42
C MET A 95 17.64 12.25 -17.76
N ALA A 96 16.67 12.20 -16.84
CA ALA A 96 15.30 12.60 -17.16
C ALA A 96 15.20 14.08 -17.49
N ASP A 97 15.62 14.95 -16.57
CA ASP A 97 15.49 16.43 -16.78
C ASP A 97 16.07 16.88 -18.12
N ALA A 98 17.26 16.42 -18.48
CA ALA A 98 17.82 16.84 -19.77
C ALA A 98 16.89 16.45 -20.92
N LYS A 99 16.40 15.21 -20.91
CA LYS A 99 15.42 14.79 -21.91
C LYS A 99 14.18 15.68 -21.87
N LEU A 100 13.68 15.98 -20.66
CA LEU A 100 12.36 16.60 -20.53
C LEU A 100 12.34 18.05 -20.99
N LEU A 101 13.46 18.77 -20.97
CA LEU A 101 13.43 20.13 -21.47
C LEU A 101 13.50 20.21 -22.99
N LYS A 102 13.82 19.10 -23.66
CA LYS A 102 13.72 19.00 -25.11
C LYS A 102 12.37 18.45 -25.57
N GLY A 103 11.39 18.39 -24.69
CA GLY A 103 10.09 17.82 -25.05
C GLY A 103 10.12 16.33 -25.33
N GLU A 104 11.03 15.60 -24.69
CA GLU A 104 11.20 14.17 -24.90
C GLU A 104 10.61 13.40 -23.72
N ILE A 105 10.03 12.23 -24.02
CA ILE A 105 9.60 11.31 -22.97
C ILE A 105 10.83 10.82 -22.23
N GLU A 106 10.75 10.79 -20.90
CA GLU A 106 11.91 10.49 -20.05
C GLU A 106 12.05 9.01 -19.71
N VAL A 107 11.08 8.17 -20.06
CA VAL A 107 11.19 6.75 -19.79
C VAL A 107 11.48 5.98 -21.07
N PRO A 108 11.86 4.70 -20.99
CA PRO A 108 12.22 3.95 -22.20
C PRO A 108 11.03 3.71 -23.12
N ASP A 109 11.32 3.72 -24.43
CA ASP A 109 10.27 3.58 -25.43
C ASP A 109 9.53 2.24 -25.34
N THR A 110 10.07 1.27 -24.60
CA THR A 110 9.35 0.01 -24.41
C THR A 110 8.35 0.06 -23.27
N TRP A 111 8.35 1.12 -22.47
CA TRP A 111 7.36 1.28 -21.41
C TRP A 111 6.14 2.04 -21.92
N ASN A 112 5.00 1.79 -21.28
CA ASN A 112 3.81 2.63 -21.42
C ASN A 112 4.07 3.96 -20.72
N SER A 113 4.51 4.96 -21.49
CA SER A 113 4.75 6.28 -20.94
C SER A 113 3.51 6.88 -20.28
N GLY A 114 2.32 6.35 -20.57
CA GLY A 114 1.09 6.89 -20.00
C GLY A 114 0.80 6.42 -18.58
N ASP A 115 1.43 5.32 -18.15
CA ASP A 115 1.18 4.72 -16.85
C ASP A 115 2.39 4.72 -15.94
N ILE A 116 3.41 5.56 -16.22
CA ILE A 116 4.66 5.54 -15.46
C ILE A 116 5.38 6.82 -15.85
N TYR A 117 5.92 7.53 -14.85
CA TYR A 117 6.75 8.70 -15.09
C TYR A 117 7.84 8.80 -14.02
N LEU A 118 8.88 9.59 -14.30
CA LEU A 118 9.90 9.84 -13.30
C LEU A 118 10.63 11.13 -13.65
N SER A 119 11.33 11.67 -12.66
CA SER A 119 12.20 12.81 -12.85
C SER A 119 13.38 12.67 -11.91
N SER A 120 14.28 13.65 -11.95
CA SER A 120 15.42 13.60 -11.04
C SER A 120 14.97 13.66 -9.59
N LYS A 121 13.83 14.28 -9.33
CA LYS A 121 13.33 14.35 -7.96
C LYS A 121 12.86 13.00 -7.46
N THR A 122 12.62 12.05 -8.36
CA THR A 122 12.06 10.75 -7.96
C THR A 122 13.00 10.01 -7.00
N ILE A 123 14.31 10.21 -7.13
CA ILE A 123 15.27 9.46 -6.32
C ILE A 123 15.13 9.81 -4.85
N LYS A 124 15.23 11.10 -4.52
CA LYS A 124 15.02 11.55 -3.15
C LYS A 124 13.65 11.11 -2.63
N ALA A 125 12.63 11.16 -3.49
CA ALA A 125 11.30 10.72 -3.08
C ALA A 125 11.32 9.25 -2.66
N LEU A 126 11.95 8.40 -3.45
CA LEU A 126 11.96 6.97 -3.13
C LEU A 126 12.82 6.70 -1.90
N GLN A 127 13.97 7.36 -1.78
CA GLN A 127 14.79 7.24 -0.58
C GLN A 127 14.00 7.60 0.67
N GLY A 128 13.18 8.65 0.59
CA GLY A 128 12.39 9.04 1.74
C GLY A 128 11.27 8.06 2.02
N THR A 129 10.60 7.58 0.96
CA THR A 129 9.59 6.55 1.12
C THR A 129 10.16 5.32 1.82
N ILE A 130 11.35 4.89 1.42
CA ILE A 130 11.98 3.78 2.11
C ILE A 130 12.20 4.14 3.58
N GLY A 131 12.62 5.38 3.85
CA GLY A 131 12.79 5.81 5.22
C GLY A 131 11.49 5.71 6.02
N ALA A 132 10.38 6.13 5.41
CA ALA A 132 9.08 6.05 6.09
C ALA A 132 8.67 4.61 6.34
N ILE A 133 8.99 3.71 5.40
CA ILE A 133 8.71 2.29 5.60
C ILE A 133 9.50 1.73 6.77
N GLU A 134 10.81 2.06 6.83
CA GLU A 134 11.62 1.62 7.96
C GLU A 134 11.02 2.15 9.26
N THR A 135 10.57 3.41 9.25
CA THR A 135 9.95 3.99 10.44
C THR A 135 8.73 3.17 10.87
N GLY A 136 7.88 2.81 9.90
CA GLY A 136 6.70 2.00 10.22
C GLY A 136 7.07 0.67 10.86
N VAL A 137 8.01 -0.07 10.23
CA VAL A 137 8.44 -1.34 10.79
C VAL A 137 9.04 -1.13 12.18
N ASP A 138 9.97 -0.16 12.30
CA ASP A 138 10.56 0.14 13.60
C ASP A 138 9.49 0.48 14.64
N SER A 139 8.45 1.22 14.23
CA SER A 139 7.45 1.65 15.20
C SER A 139 6.80 0.47 15.92
N ILE A 140 6.67 -0.67 15.25
CA ILE A 140 5.96 -1.79 15.85
C ILE A 140 6.87 -2.95 16.26
N PHE A 141 8.19 -2.84 16.08
CA PHE A 141 9.09 -3.91 16.52
C PHE A 141 10.24 -3.46 17.39
N LYS A 142 10.59 -2.19 17.40
CA LYS A 142 11.86 -1.77 17.98
C LYS A 142 11.69 -1.43 19.46
N GLY A 143 12.58 -1.96 20.28
CA GLY A 143 12.68 -1.48 21.63
C GLY A 143 13.02 -2.57 22.62
N PRO A 144 13.54 -2.16 23.78
CA PRO A 144 13.93 -3.15 24.78
C PRO A 144 12.75 -3.79 25.48
N SER A 145 11.61 -3.12 25.55
CA SER A 145 10.48 -3.51 26.39
C SER A 145 9.28 -3.83 25.50
N ALA A 146 9.01 -5.12 25.29
CA ALA A 146 7.92 -5.53 24.41
C ALA A 146 6.60 -4.89 24.80
N GLU A 147 6.35 -4.74 26.11
CA GLU A 147 5.10 -4.16 26.59
C GLU A 147 4.94 -2.70 26.16
N HIS A 148 6.05 -2.01 25.94
CA HIS A 148 6.03 -0.59 25.61
C HIS A 148 6.18 -0.36 24.10
N ILE A 149 5.76 -1.32 23.29
CA ILE A 149 5.94 -1.27 21.84
C ILE A 149 4.57 -1.36 21.18
N SER A 150 4.28 -0.40 20.29
CA SER A 150 3.02 -0.43 19.56
C SER A 150 2.93 -1.66 18.66
N ASN A 151 1.69 -2.05 18.33
CA ASN A 151 1.44 -3.21 17.49
C ASN A 151 1.00 -2.85 16.08
N ARG A 152 0.48 -1.64 15.85
CA ARG A 152 -0.12 -1.32 14.56
C ARG A 152 0.34 0.03 14.05
N ALA A 153 0.56 0.10 12.73
CA ALA A 153 1.02 1.30 12.07
C ALA A 153 0.40 1.37 10.69
N PHE A 154 0.06 2.59 10.27
CA PHE A 154 -0.30 2.90 8.91
C PHE A 154 0.74 3.85 8.36
N VAL A 155 1.24 3.56 7.14
CA VAL A 155 2.31 4.33 6.53
C VAL A 155 1.75 5.01 5.28
N ALA A 156 1.67 6.35 5.32
CA ALA A 156 1.06 7.11 4.23
C ALA A 156 2.14 7.49 3.22
N ILE A 157 2.42 6.59 2.28
CA ILE A 157 3.50 6.76 1.33
C ILE A 157 2.95 6.76 -0.09
N ARG A 158 3.71 7.36 -0.98
CA ARG A 158 3.57 7.19 -2.42
C ARG A 158 4.97 7.38 -3.02
N PRO A 159 5.17 6.98 -4.28
CA PRO A 159 4.17 6.30 -5.11
C PRO A 159 3.90 4.89 -4.60
N PRO A 160 2.84 4.27 -5.07
CA PRO A 160 2.48 2.93 -4.59
C PRO A 160 3.46 1.89 -5.12
N GLY A 161 3.30 0.66 -4.60
CA GLY A 161 4.25 -0.41 -4.86
C GLY A 161 3.72 -1.66 -5.54
N HIS A 162 2.42 -1.92 -5.45
CA HIS A 162 1.97 -3.28 -5.72
C HIS A 162 2.01 -3.64 -7.20
N HIS A 163 2.20 -2.68 -8.12
CA HIS A 163 2.40 -3.02 -9.53
C HIS A 163 3.87 -3.18 -9.91
N CYS A 164 4.82 -2.81 -9.05
CA CYS A 164 6.23 -2.97 -9.40
C CYS A 164 6.62 -4.44 -9.30
N HIS A 165 7.12 -4.98 -10.40
CA HIS A 165 7.55 -6.37 -10.43
C HIS A 165 8.97 -6.48 -9.88
N TYR A 166 9.52 -7.69 -9.95
CA TYR A 166 10.90 -7.90 -9.55
C TYR A 166 11.82 -6.88 -10.21
N GLY A 167 11.74 -6.77 -11.53
CA GLY A 167 12.72 -5.98 -12.25
C GLY A 167 12.10 -4.98 -13.20
N THR A 168 10.80 -4.77 -13.09
CA THR A 168 10.07 -4.01 -14.09
C THR A 168 8.99 -3.16 -13.43
N PRO A 169 9.04 -1.84 -13.59
CA PRO A 169 8.00 -0.98 -13.01
C PRO A 169 6.74 -1.00 -13.88
N SER A 170 5.61 -0.69 -13.26
CA SER A 170 4.41 -0.43 -14.04
C SER A 170 3.35 0.14 -13.11
N GLY A 171 2.28 0.68 -13.71
CA GLY A 171 1.14 1.20 -12.98
C GLY A 171 1.49 2.25 -11.95
N PHE A 172 2.41 3.16 -12.28
CA PHE A 172 2.86 4.23 -11.40
C PHE A 172 3.69 3.74 -10.22
N CYS A 173 4.15 2.50 -10.24
CA CYS A 173 4.91 1.92 -9.15
C CYS A 173 6.35 1.73 -9.59
N LEU A 174 7.29 2.34 -8.87
CA LEU A 174 8.69 2.20 -9.21
C LEU A 174 9.42 1.27 -8.26
N LEU A 175 8.77 0.85 -7.19
CA LEU A 175 9.42 0.08 -6.14
C LEU A 175 8.34 -0.65 -5.38
N ASN A 176 8.58 -1.93 -5.09
CA ASN A 176 7.54 -2.68 -4.38
C ASN A 176 7.63 -2.41 -2.88
N ASN A 177 6.85 -1.44 -2.42
CA ASN A 177 6.91 -1.02 -1.03
C ASN A 177 6.73 -2.20 -0.06
N ALA A 178 5.77 -3.10 -0.36
CA ALA A 178 5.44 -4.16 0.60
C ALA A 178 6.59 -5.14 0.79
N HIS A 179 7.24 -5.55 -0.30
CA HIS A 179 8.32 -6.53 -0.17
C HIS A 179 9.56 -5.88 0.41
N VAL A 180 9.75 -4.57 0.21
CA VAL A 180 10.83 -3.85 0.87
C VAL A 180 10.59 -3.83 2.39
N ALA A 181 9.36 -3.52 2.80
CA ALA A 181 9.00 -3.58 4.22
C ALA A 181 9.26 -4.96 4.80
N ILE A 182 8.85 -6.01 4.07
CA ILE A 182 9.02 -7.38 4.54
C ILE A 182 10.50 -7.70 4.73
N GLU A 183 11.32 -7.32 3.75
CA GLU A 183 12.74 -7.68 3.82
C GLU A 183 13.43 -6.92 4.93
N TYR A 184 13.07 -5.65 5.12
CA TYR A 184 13.59 -4.91 6.25
C TYR A 184 13.20 -5.57 7.57
N ALA A 185 11.93 -5.99 7.68
CA ALA A 185 11.47 -6.60 8.91
C ALA A 185 12.15 -7.92 9.17
N TYR A 186 12.48 -8.67 8.12
CA TYR A 186 13.22 -9.91 8.30
C TYR A 186 14.68 -9.62 8.67
N ASP A 187 15.32 -8.69 7.97
CA ASP A 187 16.72 -8.39 8.24
C ASP A 187 16.90 -7.80 9.65
N THR A 188 16.00 -6.91 10.05
CA THR A 188 16.19 -6.17 11.29
C THR A 188 15.55 -6.83 12.49
N TYR A 189 14.43 -7.53 12.34
CA TYR A 189 13.70 -8.04 13.48
C TYR A 189 13.41 -9.53 13.42
N ASN A 190 13.90 -10.22 12.38
CA ASN A 190 13.77 -11.67 12.30
C ASN A 190 12.32 -12.09 12.18
N VAL A 191 11.53 -11.28 11.47
CA VAL A 191 10.21 -11.71 11.02
C VAL A 191 10.38 -12.78 9.96
N THR A 192 9.76 -13.94 10.18
CA THR A 192 9.96 -15.09 9.31
C THR A 192 8.82 -15.33 8.32
N HIS A 193 7.60 -14.91 8.66
CA HIS A 193 6.43 -15.22 7.86
C HIS A 193 5.53 -14.00 7.82
N VAL A 194 5.12 -13.62 6.61
CA VAL A 194 4.31 -12.42 6.41
C VAL A 194 3.16 -12.75 5.49
N VAL A 195 1.95 -12.35 5.87
CA VAL A 195 0.84 -12.35 4.93
C VAL A 195 0.60 -10.92 4.48
N VAL A 196 0.37 -10.77 3.18
CA VAL A 196 0.00 -9.51 2.56
C VAL A 196 -1.48 -9.60 2.18
N LEU A 197 -2.28 -8.72 2.77
CA LEU A 197 -3.72 -8.61 2.50
C LEU A 197 -3.92 -7.37 1.65
N ASP A 198 -4.41 -7.56 0.42
CA ASP A 198 -4.43 -6.52 -0.59
C ASP A 198 -5.88 -6.30 -1.03
N PHE A 199 -6.47 -5.17 -0.62
CA PHE A 199 -7.83 -4.87 -1.02
C PHE A 199 -7.93 -3.70 -2.00
N ASP A 200 -6.81 -3.26 -2.59
CA ASP A 200 -6.82 -2.40 -3.77
C ASP A 200 -7.76 -2.96 -4.84
N LEU A 201 -8.36 -2.07 -5.63
CA LEU A 201 -9.23 -2.52 -6.71
C LEU A 201 -8.49 -3.36 -7.72
N HIS A 202 -7.18 -3.14 -7.87
CA HIS A 202 -6.37 -3.78 -8.89
C HIS A 202 -5.59 -4.95 -8.32
N HIS A 203 -5.38 -5.96 -9.15
CA HIS A 203 -4.51 -7.05 -8.76
C HIS A 203 -3.10 -6.51 -8.47
N GLY A 204 -2.50 -6.94 -7.36
CA GLY A 204 -1.13 -6.57 -7.08
C GLY A 204 -0.15 -7.47 -7.81
N ASP A 205 -0.16 -7.38 -9.15
CA ASP A 205 0.65 -8.28 -9.96
C ASP A 205 2.14 -8.15 -9.64
N GLY A 206 2.58 -6.97 -9.20
CA GLY A 206 3.98 -6.83 -8.84
C GLY A 206 4.32 -7.53 -7.53
N THR A 207 3.49 -7.32 -6.49
CA THR A 207 3.69 -8.02 -5.24
C THR A 207 3.66 -9.52 -5.44
N GLN A 208 2.77 -10.00 -6.31
CA GLN A 208 2.67 -11.43 -6.53
C GLN A 208 3.87 -11.95 -7.33
N ASP A 209 4.26 -11.22 -8.36
CA ASP A 209 5.46 -11.56 -9.12
C ASP A 209 6.66 -11.77 -8.20
N ILE A 210 6.82 -10.92 -7.19
CA ILE A 210 7.97 -11.06 -6.31
C ILE A 210 7.77 -12.25 -5.37
N CYS A 211 6.52 -12.61 -5.06
CA CYS A 211 6.27 -13.85 -4.34
C CYS A 211 6.80 -15.06 -5.12
N TRP A 212 6.67 -15.04 -6.45
CA TRP A 212 7.25 -16.13 -7.23
C TRP A 212 8.77 -16.14 -7.11
N LYS A 213 9.39 -14.96 -7.13
CA LYS A 213 10.84 -14.90 -6.95
C LYS A 213 11.23 -15.49 -5.60
N ARG A 214 10.47 -15.17 -4.54
CA ARG A 214 10.81 -15.66 -3.20
C ARG A 214 10.59 -17.16 -3.08
N ALA A 215 9.67 -17.73 -3.87
CA ALA A 215 9.53 -19.18 -3.90
C ALA A 215 10.72 -19.87 -4.55
N GLY A 216 11.61 -19.12 -5.19
CA GLY A 216 12.75 -19.70 -5.87
C GLY A 216 12.62 -19.87 -7.37
N PHE A 217 11.55 -19.36 -7.99
CA PHE A 217 11.43 -19.45 -9.44
C PHE A 217 12.12 -18.27 -10.10
N LYS A 218 12.71 -18.54 -11.26
CA LYS A 218 13.50 -17.53 -11.95
C LYS A 218 12.62 -16.40 -12.45
N PRO A 219 12.95 -15.14 -12.18
CA PRO A 219 12.18 -14.03 -12.75
C PRO A 219 12.39 -13.91 -14.25
N GLU A 220 11.35 -13.44 -14.93
CA GLU A 220 11.45 -13.27 -16.38
C GLU A 220 12.60 -12.34 -16.74
N GLU A 221 12.86 -11.31 -15.91
CA GLU A 221 13.92 -10.34 -16.21
C GLU A 221 15.30 -10.96 -16.08
N GLU A 222 15.44 -12.00 -15.26
CA GLU A 222 16.84 -12.35 -15.06
C GLU A 222 17.32 -13.34 -16.12
N PRO A 223 18.56 -13.19 -16.57
CA PRO A 223 19.11 -14.15 -17.53
C PRO A 223 19.24 -15.52 -16.89
N GLU A 224 18.92 -16.56 -17.67
CA GLU A 224 18.92 -17.91 -17.11
C GLU A 224 20.30 -18.25 -16.56
N ASP A 225 20.30 -18.89 -15.41
CA ASP A 225 21.50 -19.13 -14.61
C ASP A 225 21.55 -20.60 -14.19
N SER A 226 22.76 -21.12 -14.00
CA SER A 226 22.92 -22.47 -13.49
C SER A 226 22.48 -22.61 -12.03
N SER A 227 22.14 -21.48 -11.40
CA SER A 227 21.56 -21.48 -10.06
C SER A 227 20.22 -22.22 -10.00
N TYR A 228 19.50 -22.32 -11.12
CA TYR A 228 18.17 -22.92 -11.17
C TYR A 228 18.24 -24.31 -11.78
N ASP A 229 17.41 -25.22 -11.27
CA ASP A 229 17.33 -26.56 -11.82
C ASP A 229 16.60 -26.54 -13.17
N ASP A 230 16.34 -27.74 -13.71
CA ASP A 230 15.73 -27.87 -15.03
C ASP A 230 14.31 -27.36 -15.07
N PHE A 231 13.72 -27.05 -13.92
CA PHE A 231 12.37 -26.54 -13.84
C PHE A 231 12.36 -25.07 -13.49
N GLY A 232 13.52 -24.42 -13.57
CA GLY A 232 13.61 -23.01 -13.23
C GLY A 232 13.36 -22.71 -11.77
N LYS A 233 13.68 -23.66 -10.89
CA LYS A 233 13.45 -23.50 -9.46
C LYS A 233 14.75 -23.66 -8.68
N LYS A 234 14.82 -22.95 -7.56
CA LYS A 234 15.84 -23.18 -6.55
C LYS A 234 15.19 -23.02 -5.17
N PHE A 235 15.99 -23.27 -4.14
CA PHE A 235 15.55 -23.25 -2.75
C PHE A 235 14.87 -21.93 -2.38
N ALA A 236 13.75 -22.03 -1.67
CA ALA A 236 13.02 -20.85 -1.17
C ALA A 236 13.58 -20.42 0.18
N GLU A 237 13.97 -19.17 0.29
CA GLU A 237 14.60 -18.66 1.53
C GLU A 237 13.60 -17.87 2.37
N PHE A 238 13.95 -17.61 3.62
CA PHE A 238 13.16 -16.74 4.47
C PHE A 238 13.38 -15.28 4.09
N PRO A 239 12.39 -14.40 4.32
CA PRO A 239 11.08 -14.69 4.93
C PRO A 239 10.11 -15.35 3.95
N LYS A 240 9.15 -16.13 4.46
CA LYS A 240 8.10 -16.71 3.64
C LYS A 240 6.93 -15.72 3.57
N VAL A 241 6.44 -15.48 2.36
CA VAL A 241 5.40 -14.48 2.14
C VAL A 241 4.19 -15.12 1.47
N GLY A 242 3.01 -14.81 1.99
CA GLY A 242 1.77 -15.23 1.39
C GLY A 242 1.00 -14.02 0.92
N TYR A 243 0.43 -14.08 -0.29
CA TYR A 243 -0.22 -12.95 -0.94
C TYR A 243 -1.71 -13.24 -1.13
N PHE A 244 -2.55 -12.35 -0.60
CA PHE A 244 -4.00 -12.58 -0.54
C PHE A 244 -4.73 -11.32 -1.02
N SER A 245 -5.36 -11.43 -2.18
CA SER A 245 -5.90 -10.27 -2.90
C SER A 245 -7.35 -10.47 -3.25
N MET A 246 -8.14 -9.40 -3.10
CA MET A 246 -9.44 -9.28 -3.73
C MET A 246 -9.38 -8.10 -4.67
N HIS A 247 -9.89 -8.26 -5.88
CA HIS A 247 -9.70 -7.24 -6.90
C HIS A 247 -10.69 -7.48 -8.03
N ASP A 248 -10.83 -6.48 -8.89
CA ASP A 248 -11.70 -6.57 -10.07
C ASP A 248 -10.91 -7.20 -11.20
N ILE A 249 -11.32 -8.42 -11.60
CA ILE A 249 -10.63 -9.14 -12.68
C ILE A 249 -10.83 -8.48 -14.04
N ASN A 250 -11.80 -7.57 -14.18
CA ASN A 250 -12.01 -6.89 -15.45
C ASN A 250 -11.37 -5.51 -15.50
N SER A 251 -10.59 -5.14 -14.48
CA SER A 251 -9.84 -3.88 -14.42
C SER A 251 -8.34 -4.15 -14.57
N PHE A 252 -7.61 -3.05 -14.72
CA PHE A 252 -6.15 -3.10 -14.83
C PHE A 252 -5.58 -3.94 -13.68
N PRO A 253 -4.53 -4.73 -13.93
CA PRO A 253 -3.79 -4.96 -15.17
C PRO A 253 -4.47 -5.91 -16.18
N THR A 254 -5.73 -6.30 -15.98
CA THR A 254 -6.44 -7.19 -16.92
C THR A 254 -7.77 -6.57 -17.33
N GLU A 255 -7.73 -5.33 -17.79
CA GLU A 255 -8.96 -4.64 -18.16
C GLU A 255 -9.67 -5.39 -19.29
N SER A 256 -10.98 -5.51 -19.16
CA SER A 256 -11.77 -6.22 -20.14
C SER A 256 -11.56 -5.63 -21.53
N GLY A 257 -11.10 -6.46 -22.47
CA GLY A 257 -10.77 -6.03 -23.81
C GLY A 257 -9.30 -5.76 -24.05
N PHE A 258 -8.50 -5.63 -23.00
CA PHE A 258 -7.12 -5.16 -23.08
C PHE A 258 -6.24 -6.01 -22.16
N ALA A 259 -6.33 -7.33 -22.29
CA ALA A 259 -5.81 -8.21 -21.25
C ALA A 259 -5.10 -9.41 -21.88
N THR A 260 -3.96 -9.77 -21.32
CA THR A 260 -3.19 -10.88 -21.84
C THR A 260 -3.43 -12.13 -21.01
N LYS A 261 -3.38 -13.27 -21.71
CA LYS A 261 -3.37 -14.61 -21.12
C LYS A 261 -2.56 -14.60 -19.83
N GLU A 262 -1.32 -14.13 -19.91
CA GLU A 262 -0.41 -14.25 -18.77
C GLU A 262 -0.90 -13.44 -17.58
N ASN A 263 -1.40 -12.24 -17.81
CA ASN A 263 -1.85 -11.42 -16.68
C ASN A 263 -3.17 -11.93 -16.13
N ILE A 264 -4.05 -12.46 -16.98
CA ILE A 264 -5.27 -13.07 -16.50
C ILE A 264 -4.94 -14.24 -15.59
N LYS A 265 -3.98 -15.09 -15.98
CA LYS A 265 -3.58 -16.24 -15.16
C LYS A 265 -3.07 -15.79 -13.79
N ASN A 266 -2.19 -14.80 -13.76
CA ASN A 266 -1.64 -14.39 -12.46
C ASN A 266 -2.73 -13.79 -11.60
N ALA A 267 -3.64 -13.04 -12.20
CA ALA A 267 -4.70 -12.44 -11.42
C ALA A 267 -5.75 -13.45 -10.97
N SER A 268 -5.66 -14.71 -11.38
CA SER A 268 -6.61 -15.74 -10.97
C SER A 268 -5.98 -16.89 -10.19
N THR A 269 -4.74 -16.73 -9.71
CA THR A 269 -4.01 -17.83 -9.11
C THR A 269 -4.48 -18.12 -7.68
N CYS A 270 -4.84 -19.38 -7.42
CA CYS A 270 -5.16 -19.83 -6.05
C CYS A 270 -4.39 -21.10 -5.73
N ILE A 271 -3.43 -20.99 -4.80
CA ILE A 271 -2.64 -22.15 -4.40
C ILE A 271 -2.04 -21.92 -3.01
N MET A 272 -2.16 -22.92 -2.14
CA MET A 272 -1.63 -22.83 -0.77
C MET A 272 -0.64 -23.96 -0.49
N ASN A 273 0.45 -23.60 0.16
CA ASN A 273 1.31 -24.59 0.80
C ASN A 273 1.89 -25.59 -0.18
N SER A 274 2.13 -25.17 -1.42
CA SER A 274 2.69 -26.07 -2.43
C SER A 274 3.70 -25.32 -3.29
N HIS A 275 4.75 -26.04 -3.70
CA HIS A 275 5.81 -25.47 -4.54
C HIS A 275 6.37 -24.17 -3.97
N ASP A 276 6.36 -24.03 -2.65
CA ASP A 276 6.86 -22.83 -1.96
C ASP A 276 6.04 -21.59 -2.28
N LEU A 277 4.80 -21.77 -2.75
CA LEU A 277 3.90 -20.67 -3.06
C LEU A 277 2.75 -20.65 -2.06
N ASN A 278 2.27 -19.43 -1.77
CA ASN A 278 1.06 -19.19 -1.00
C ASN A 278 0.44 -17.94 -1.61
N ILE A 279 -0.54 -18.14 -2.48
CA ILE A 279 -1.13 -17.09 -3.30
C ILE A 279 -2.62 -17.36 -3.44
N TRP A 280 -3.44 -16.34 -3.17
CA TRP A 280 -4.89 -16.50 -3.25
C TRP A 280 -5.49 -15.23 -3.80
N ASN A 281 -6.21 -15.35 -4.91
CA ASN A 281 -6.81 -14.21 -5.62
C ASN A 281 -8.30 -14.45 -5.75
N ILE A 282 -9.09 -13.44 -5.37
CA ILE A 282 -10.55 -13.49 -5.37
C ILE A 282 -11.07 -12.26 -6.10
N HIS A 283 -12.19 -12.41 -6.80
CA HIS A 283 -12.67 -11.36 -7.70
C HIS A 283 -13.91 -10.66 -7.16
N LEU A 284 -13.90 -9.32 -7.21
CA LEU A 284 -15.04 -8.54 -6.76
C LEU A 284 -16.29 -8.88 -7.55
N SER A 285 -17.44 -8.82 -6.88
CA SER A 285 -18.74 -9.10 -7.48
C SER A 285 -19.61 -7.85 -7.44
N LYS A 286 -20.47 -7.68 -8.43
CA LYS A 286 -21.46 -6.61 -8.39
C LYS A 286 -22.43 -6.82 -7.23
N TRP A 287 -22.90 -5.70 -6.65
CA TRP A 287 -23.93 -5.74 -5.63
C TRP A 287 -24.71 -4.44 -5.71
N THR A 288 -25.91 -4.45 -5.12
CA THR A 288 -26.76 -3.25 -5.06
C THR A 288 -27.17 -2.87 -3.65
N THR A 289 -27.65 -3.82 -2.85
CA THR A 289 -28.12 -3.51 -1.51
C THR A 289 -27.03 -3.71 -0.47
N GLU A 290 -27.26 -3.12 0.70
CA GLU A 290 -26.34 -3.32 1.80
C GLU A 290 -26.26 -4.80 2.17
N GLU A 291 -27.38 -5.50 2.11
CA GLU A 291 -27.38 -6.92 2.47
C GLU A 291 -26.72 -7.77 1.40
N GLU A 292 -26.80 -7.34 0.12
CA GLU A 292 -26.07 -8.04 -0.93
C GLU A 292 -24.56 -7.96 -0.68
N PHE A 293 -24.07 -6.78 -0.33
CA PHE A 293 -22.63 -6.69 -0.10
C PHE A 293 -22.22 -7.52 1.12
N ASN A 294 -23.04 -7.52 2.18
CA ASN A 294 -22.70 -8.28 3.36
C ASN A 294 -22.61 -9.77 3.05
N VAL A 295 -23.48 -10.28 2.18
CA VAL A 295 -23.40 -11.68 1.77
C VAL A 295 -22.08 -11.94 1.04
N LEU A 296 -21.73 -11.04 0.11
CA LEU A 296 -20.44 -11.16 -0.59
C LEU A 296 -19.29 -11.18 0.40
N TYR A 297 -19.34 -10.33 1.42
CA TYR A 297 -18.24 -10.25 2.35
C TYR A 297 -18.13 -11.54 3.16
N ARG A 298 -19.27 -12.03 3.67
CA ARG A 298 -19.25 -13.18 4.56
C ARG A 298 -18.98 -14.46 3.83
N THR A 299 -19.36 -14.55 2.55
CA THR A 299 -19.26 -15.80 1.83
C THR A 299 -18.13 -15.83 0.82
N LYS A 300 -17.62 -14.68 0.41
CA LYS A 300 -16.57 -14.63 -0.60
C LYS A 300 -15.31 -13.92 -0.08
N TYR A 301 -15.42 -12.66 0.35
CA TYR A 301 -14.20 -11.91 0.64
C TYR A 301 -13.54 -12.35 1.93
N ARG A 302 -14.31 -12.74 2.94
CA ARG A 302 -13.74 -13.16 4.22
C ARG A 302 -12.82 -14.36 4.10
N THR A 303 -12.94 -15.16 3.02
CA THR A 303 -12.12 -16.35 2.89
C THR A 303 -10.63 -16.02 2.79
N LEU A 304 -10.27 -14.78 2.43
CA LEU A 304 -8.87 -14.37 2.47
C LEU A 304 -8.29 -14.58 3.86
N PHE A 305 -9.07 -14.27 4.90
CA PHE A 305 -8.59 -14.44 6.27
C PHE A 305 -8.45 -15.91 6.62
N ALA A 306 -9.39 -16.74 6.16
CA ALA A 306 -9.27 -18.18 6.35
C ALA A 306 -7.98 -18.72 5.73
N LYS A 307 -7.69 -18.34 4.49
CA LYS A 307 -6.48 -18.82 3.84
C LYS A 307 -5.24 -18.30 4.56
N ALA A 308 -5.27 -17.04 4.97
CA ALA A 308 -4.13 -16.49 5.70
C ALA A 308 -3.97 -17.16 7.05
N ASP A 309 -5.08 -17.54 7.68
CA ASP A 309 -5.03 -18.31 8.91
C ASP A 309 -4.36 -19.65 8.70
N GLU A 310 -4.73 -20.33 7.63
CA GLU A 310 -4.10 -21.62 7.29
C GLU A 310 -2.60 -21.42 7.09
N PHE A 311 -2.21 -20.33 6.44
CA PHE A 311 -0.80 -20.04 6.20
C PHE A 311 -0.02 -20.00 7.52
N PHE A 312 -0.56 -19.28 8.51
CA PHE A 312 0.16 -19.14 9.78
C PHE A 312 0.18 -20.43 10.58
N ARG A 313 -0.91 -21.20 10.57
CA ARG A 313 -0.92 -22.47 11.28
C ARG A 313 0.10 -23.42 10.69
N SER A 314 0.13 -23.52 9.35
CA SER A 314 1.15 -24.32 8.70
C SER A 314 2.55 -23.84 9.05
N ALA A 315 2.76 -22.52 9.05
CA ALA A 315 4.09 -22.00 9.33
C ALA A 315 4.53 -22.34 10.74
N LYS A 316 3.65 -22.17 11.72
CA LYS A 316 4.01 -22.51 13.10
C LYS A 316 4.39 -23.99 13.22
N LEU A 317 3.68 -24.86 12.50
CA LEU A 317 4.02 -26.28 12.54
C LEU A 317 5.40 -26.53 11.95
N GLU A 318 5.67 -26.01 10.75
CA GLU A 318 6.97 -26.26 10.13
C GLU A 318 8.10 -25.71 11.01
N MET A 319 7.91 -24.55 11.63
CA MET A 319 8.97 -23.96 12.44
C MET A 319 9.24 -24.79 13.70
N ASN A 320 8.16 -25.23 14.37
CA ASN A 320 8.34 -25.95 15.63
C ASN A 320 8.82 -27.37 15.37
N GLN A 321 8.36 -28.01 14.30
CA GLN A 321 8.93 -29.30 13.94
C GLN A 321 10.41 -29.20 13.61
N GLN A 322 10.90 -28.04 13.19
CA GLN A 322 12.30 -27.88 12.78
C GLN A 322 13.15 -27.14 13.80
N GLY A 323 12.60 -26.83 14.98
CA GLY A 323 13.37 -26.10 15.97
C GLY A 323 13.79 -24.69 15.57
N ARG A 324 12.96 -23.98 14.77
CA ARG A 324 13.25 -22.59 14.37
C ARG A 324 12.26 -21.62 15.03
N PRO A 325 12.66 -20.38 15.31
CA PRO A 325 11.73 -19.43 15.91
C PRO A 325 10.81 -18.81 14.86
N PHE A 326 9.52 -18.94 15.07
CA PHE A 326 8.52 -18.32 14.23
C PHE A 326 8.26 -16.88 14.70
N LYS A 327 8.05 -15.99 13.75
CA LYS A 327 7.61 -14.62 14.06
C LYS A 327 6.84 -14.07 12.88
N GLY A 328 5.57 -13.73 13.10
CA GLY A 328 4.70 -13.35 12.03
C GLY A 328 4.46 -11.85 11.96
N LEU A 329 3.93 -11.42 10.83
CA LEU A 329 3.49 -10.06 10.62
C LEU A 329 2.35 -10.10 9.62
N VAL A 330 1.35 -9.25 9.84
CA VAL A 330 0.30 -9.01 8.87
C VAL A 330 0.59 -7.67 8.21
N VAL A 331 0.73 -7.69 6.89
CA VAL A 331 0.89 -6.48 6.10
C VAL A 331 -0.40 -6.26 5.29
N ILE A 332 -0.90 -5.04 5.30
CA ILE A 332 -2.06 -4.68 4.49
C ILE A 332 -1.59 -3.79 3.34
N SER A 333 -1.89 -4.21 2.12
CA SER A 333 -1.75 -3.31 0.97
C SER A 333 -3.04 -2.51 0.93
N ALA A 334 -3.01 -1.33 1.56
CA ALA A 334 -4.22 -0.51 1.75
C ALA A 334 -4.42 0.41 0.54
N GLY A 335 -5.14 -0.08 -0.46
CA GLY A 335 -5.54 0.73 -1.61
C GLY A 335 -7.03 1.03 -1.54
N PHE A 336 -7.40 2.26 -1.89
CA PHE A 336 -8.78 2.71 -1.72
C PHE A 336 -9.48 2.97 -3.05
N ASP A 337 -8.91 2.51 -4.16
CA ASP A 337 -9.56 2.73 -5.44
C ASP A 337 -10.74 1.80 -5.69
N ALA A 338 -11.04 0.85 -4.81
CA ALA A 338 -12.30 0.14 -4.95
C ALA A 338 -13.45 0.86 -4.27
N SER A 339 -13.20 2.02 -3.67
CA SER A 339 -14.25 2.69 -2.89
C SER A 339 -15.42 3.15 -3.76
N GLU A 340 -16.61 3.12 -3.17
CA GLU A 340 -17.78 3.72 -3.82
C GLU A 340 -17.51 5.15 -4.24
N PHE A 341 -16.56 5.83 -3.59
CA PHE A 341 -16.28 7.23 -3.88
C PHE A 341 -15.21 7.43 -4.94
N GLU A 342 -14.58 6.36 -5.44
CA GLU A 342 -13.56 6.50 -6.47
C GLU A 342 -14.16 6.99 -7.78
N GLN A 343 -13.36 7.69 -8.56
CA GLN A 343 -13.87 8.34 -9.78
C GLN A 343 -14.30 7.29 -10.82
N THR A 344 -15.36 7.61 -11.54
CA THR A 344 -15.94 6.72 -12.53
C THR A 344 -15.03 6.53 -13.75
N HIS A 349 -16.84 -0.01 -13.43
CA HIS A 349 -17.27 -1.40 -13.64
C HIS A 349 -18.28 -1.89 -12.58
N SER A 350 -18.69 -1.02 -11.64
CA SER A 350 -19.81 -1.24 -10.72
C SER A 350 -19.54 -2.26 -9.62
N VAL A 351 -18.36 -2.89 -9.62
CA VAL A 351 -17.90 -3.64 -8.46
C VAL A 351 -17.14 -2.63 -7.61
N ASN A 352 -17.76 -2.24 -6.51
CA ASN A 352 -17.22 -1.26 -5.59
C ASN A 352 -17.23 -1.88 -4.22
N VAL A 353 -16.77 -1.13 -3.21
CA VAL A 353 -17.03 -1.53 -1.83
C VAL A 353 -17.61 -0.34 -1.08
N PRO A 354 -18.48 -0.56 -0.11
CA PRO A 354 -18.96 0.56 0.71
C PRO A 354 -17.85 1.00 1.64
N THR A 355 -17.89 2.28 2.03
CA THR A 355 -16.81 2.82 2.87
C THR A 355 -16.61 1.97 4.11
N SER A 356 -17.71 1.49 4.71
CA SER A 356 -17.65 0.65 5.91
C SER A 356 -16.80 -0.61 5.72
N PHE A 357 -16.62 -1.07 4.48
CA PHE A 357 -15.85 -2.29 4.26
C PHE A 357 -14.43 -2.14 4.81
N TYR A 358 -13.83 -0.96 4.66
CA TYR A 358 -12.46 -0.76 5.11
C TYR A 358 -12.33 -0.93 6.62
N THR A 359 -13.35 -0.52 7.39
CA THR A 359 -13.35 -0.81 8.82
C THR A 359 -13.47 -2.31 9.07
N THR A 360 -14.46 -2.94 8.45
CA THR A 360 -14.70 -4.37 8.66
C THR A 360 -13.48 -5.20 8.30
N PHE A 361 -12.90 -4.93 7.13
CA PHE A 361 -11.76 -5.72 6.68
C PHE A 361 -10.61 -5.59 7.65
N THR A 362 -10.34 -4.35 8.09
CA THR A 362 -9.19 -4.13 8.95
C THR A 362 -9.40 -4.79 10.31
N LYS A 363 -10.65 -4.76 10.83
CA LYS A 363 -10.95 -5.43 12.08
C LYS A 363 -10.69 -6.93 11.98
N ASP A 364 -11.03 -7.53 10.84
CA ASP A 364 -10.73 -8.95 10.67
C ASP A 364 -9.23 -9.20 10.55
N ALA A 365 -8.48 -8.24 9.97
CA ALA A 365 -7.02 -8.37 9.98
C ALA A 365 -6.47 -8.30 11.40
N LEU A 366 -7.07 -7.48 12.27
CA LEU A 366 -6.67 -7.45 13.68
C LEU A 366 -6.82 -8.82 14.33
N LYS A 367 -7.96 -9.48 14.11
CA LYS A 367 -8.16 -10.81 14.69
C LYS A 367 -7.09 -11.78 14.19
N LEU A 368 -6.78 -11.74 12.91
CA LEU A 368 -5.74 -12.62 12.39
C LEU A 368 -4.40 -12.35 13.08
N ALA A 369 -4.00 -11.07 13.18
CA ALA A 369 -2.72 -10.74 13.81
C ALA A 369 -2.71 -11.05 15.30
N GLN A 370 -3.84 -10.91 16.00
CA GLN A 370 -3.87 -11.30 17.41
C GLN A 370 -3.59 -12.79 17.57
N MET A 371 -4.18 -13.60 16.69
CA MET A 371 -4.07 -15.06 16.85
C MET A 371 -2.67 -15.57 16.50
N HIS A 372 -1.99 -14.96 15.53
CA HIS A 372 -0.75 -15.52 15.02
C HIS A 372 0.49 -14.63 15.10
N CYS A 373 0.33 -13.31 15.25
CA CYS A 373 1.46 -12.38 15.14
C CYS A 373 1.66 -11.52 16.37
N HIS A 374 1.08 -11.89 17.50
CA HIS A 374 1.10 -10.99 18.66
C HIS A 374 0.59 -9.60 18.30
N GLY A 375 -0.39 -9.53 17.39
CA GLY A 375 -1.06 -8.28 17.05
C GLY A 375 -0.33 -7.37 16.08
N LYS A 376 0.76 -7.83 15.46
CA LYS A 376 1.60 -6.94 14.65
C LYS A 376 0.97 -6.74 13.28
N VAL A 377 0.61 -5.50 12.98
CA VAL A 377 -0.03 -5.15 11.72
C VAL A 377 0.63 -3.92 11.13
N LEU A 378 1.02 -4.00 9.87
CA LEU A 378 1.63 -2.89 9.14
C LEU A 378 0.83 -2.65 7.87
N SER A 379 0.21 -1.49 7.80
CA SER A 379 -0.57 -1.07 6.64
C SER A 379 0.24 -0.07 5.84
N LEU A 380 0.28 -0.26 4.51
CA LEU A 380 1.02 0.61 3.61
C LEU A 380 0.07 1.11 2.53
N MET A 381 0.03 2.42 2.32
CA MET A 381 -0.89 2.96 1.34
C MET A 381 -0.54 2.49 -0.08
N GLU A 382 -1.54 2.05 -0.82
CA GLU A 382 -1.35 1.69 -2.23
C GLU A 382 -1.95 2.50 -3.38
N GLY A 383 -3.16 2.23 -3.78
CA GLY A 383 -3.81 2.97 -4.85
C GLY A 383 -4.89 3.77 -4.13
N GLY A 384 -5.93 4.21 -4.84
CA GLY A 384 -6.89 5.19 -4.35
C GLY A 384 -6.58 6.57 -4.90
N TYR A 385 -7.49 7.19 -5.67
CA TYR A 385 -7.03 8.36 -6.43
C TYR A 385 -7.86 9.62 -6.24
N SER A 386 -9.17 9.53 -6.12
CA SER A 386 -9.93 10.76 -5.89
C SER A 386 -9.80 11.20 -4.44
N ASP A 387 -9.87 12.51 -4.21
CA ASP A 387 -9.87 13.03 -2.84
C ASP A 387 -10.91 12.30 -1.98
N LYS A 388 -12.07 11.99 -2.54
CA LYS A 388 -13.12 11.41 -1.73
C LYS A 388 -12.80 9.97 -1.34
N ALA A 389 -12.27 9.18 -2.28
CA ALA A 389 -11.97 7.79 -1.99
C ALA A 389 -10.84 7.67 -0.96
N ILE A 390 -9.77 8.47 -1.11
CA ILE A 390 -8.62 8.36 -0.21
C ILE A 390 -9.00 8.83 1.20
N CYS A 391 -9.64 9.99 1.28
CA CYS A 391 -10.04 10.54 2.56
C CYS A 391 -10.99 9.59 3.30
N SER A 392 -12.10 9.17 2.66
CA SER A 392 -13.05 8.29 3.33
C SER A 392 -12.43 6.93 3.63
N GLY A 393 -11.61 6.41 2.70
CA GLY A 393 -11.02 5.10 2.90
C GLY A 393 -10.00 5.07 4.03
N VAL A 394 -9.06 6.03 4.03
CA VAL A 394 -8.09 6.10 5.13
C VAL A 394 -8.81 6.23 6.47
N PHE A 395 -9.86 7.07 6.50
CA PHE A 395 -10.62 7.32 7.72
C PHE A 395 -11.20 6.04 8.29
N ALA A 396 -11.93 5.29 7.45
CA ALA A 396 -12.56 4.06 7.91
C ALA A 396 -11.52 2.97 8.19
N HIS A 397 -10.44 2.96 7.40
CA HIS A 397 -9.34 2.04 7.63
C HIS A 397 -8.71 2.27 9.00
N LEU A 398 -8.41 3.55 9.32
CA LEU A 398 -7.82 3.85 10.63
C LEU A 398 -8.80 3.58 11.76
N ILE A 399 -10.09 3.85 11.56
CA ILE A 399 -11.09 3.54 12.59
C ILE A 399 -11.09 2.05 12.89
N GLY A 400 -10.95 1.22 11.85
CA GLY A 400 -10.87 -0.22 12.05
C GLY A 400 -9.52 -0.69 12.55
N LEU A 401 -8.44 0.04 12.23
CA LEU A 401 -7.13 -0.34 12.73
C LEU A 401 -7.06 -0.23 14.26
N GLN A 402 -7.87 0.65 14.85
CA GLN A 402 -7.93 0.75 16.30
C GLN A 402 -9.16 0.06 16.87
N ASN A 403 -9.79 -0.80 16.07
CA ASN A 403 -10.88 -1.68 16.50
C ASN A 403 -12.11 -0.90 16.97
N GLN A 404 -12.41 0.22 16.35
CA GLN A 404 -13.61 0.99 16.66
C GLN A 404 -14.69 0.70 15.63
N ASP A 405 -15.89 1.14 15.95
CA ASP A 405 -17.03 0.95 15.07
C ASP A 405 -17.17 2.10 14.09
N TRP A 406 -17.42 1.75 12.84
CA TRP A 406 -17.80 2.73 11.84
C TRP A 406 -19.25 3.16 12.06
N VAL A 407 -19.52 4.44 11.88
CA VAL A 407 -20.87 4.98 11.89
C VAL A 407 -21.17 5.41 10.46
N LYS A 408 -22.15 4.77 9.83
CA LYS A 408 -22.55 4.99 8.42
C LYS A 408 -22.52 6.47 8.02
N GLU A 409 -23.05 7.36 8.85
CA GLU A 409 -23.09 8.78 8.50
C GLU A 409 -21.68 9.37 8.37
N TRP A 410 -20.70 8.82 9.09
CA TRP A 410 -19.33 9.30 8.97
C TRP A 410 -18.85 9.24 7.52
N GLY A 411 -19.40 8.34 6.72
CA GLY A 411 -19.01 8.21 5.33
C GLY A 411 -20.11 8.63 4.38
N SER A 412 -21.02 9.47 4.86
CA SER A 412 -22.08 9.97 3.99
C SER A 412 -21.51 10.98 3.00
N GLU A 413 -22.19 11.10 1.85
CA GLU A 413 -21.74 12.04 0.84
C GLU A 413 -21.62 13.45 1.40
N GLN A 414 -22.52 13.83 2.30
CA GLN A 414 -22.44 15.16 2.89
C GLN A 414 -21.13 15.36 3.63
N VAL A 415 -20.75 14.40 4.49
CA VAL A 415 -19.58 14.59 5.34
C VAL A 415 -18.31 14.56 4.50
N VAL A 416 -18.19 13.55 3.64
CA VAL A 416 -16.98 13.45 2.82
C VAL A 416 -16.84 14.67 1.92
N LYS A 417 -17.97 15.20 1.43
CA LYS A 417 -17.88 16.36 0.55
C LYS A 417 -17.39 17.59 1.30
N GLU A 418 -17.80 17.74 2.57
CA GLU A 418 -17.34 18.87 3.36
C GLU A 418 -15.85 18.77 3.69
N ILE A 419 -15.37 17.57 4.02
CA ILE A 419 -13.94 17.41 4.33
C ILE A 419 -13.11 17.72 3.10
N VAL A 420 -13.47 17.11 1.97
CA VAL A 420 -12.69 17.21 0.74
C VAL A 420 -12.57 18.65 0.26
N ARG A 421 -13.50 19.53 0.65
CA ARG A 421 -13.33 20.95 0.36
C ARG A 421 -11.94 21.44 0.75
N GLY A 422 -11.37 20.89 1.82
CA GLY A 422 -10.09 21.33 2.32
C GLY A 422 -8.90 20.91 1.47
N CYS A 423 -9.12 20.11 0.42
CA CYS A 423 -8.05 19.73 -0.49
C CYS A 423 -7.79 20.75 -1.56
N LYS A 424 -8.72 21.66 -1.81
CA LYS A 424 -8.48 22.66 -2.82
C LYS A 424 -7.32 23.54 -2.37
N PRO A 425 -6.31 23.74 -3.22
CA PRO A 425 -5.08 24.40 -2.74
C PRO A 425 -5.30 25.74 -2.07
N ALA A 426 -6.30 26.51 -2.51
CA ALA A 426 -6.57 27.82 -1.94
C ALA A 426 -7.81 27.81 -1.05
N TRP A 427 -8.02 26.71 -0.33
CA TRP A 427 -9.21 26.60 0.52
C TRP A 427 -9.27 27.73 1.52
N LYS A 428 -10.44 28.35 1.62
CA LYS A 428 -10.80 29.25 2.70
C LYS A 428 -12.08 28.75 3.33
N PRO A 429 -12.25 28.95 4.63
CA PRO A 429 -13.49 28.52 5.29
C PRO A 429 -14.69 29.41 4.94
N TYR A 430 -15.83 29.16 5.57
CA TYR A 430 -17.07 29.90 5.30
C TYR A 430 -17.14 31.21 6.09
N ASP A 437 -25.32 23.62 11.12
CA ASP A 437 -23.95 23.92 10.72
C ASP A 437 -22.97 22.87 11.30
N VAL A 438 -23.50 21.95 12.10
CA VAL A 438 -22.68 21.06 12.92
C VAL A 438 -21.65 20.31 12.08
N ILE A 439 -22.08 19.80 10.92
CA ILE A 439 -21.15 19.05 10.09
C ILE A 439 -20.09 19.95 9.49
N ARG A 440 -20.40 21.24 9.25
CA ARG A 440 -19.40 22.13 8.70
C ARG A 440 -18.34 22.47 9.73
N ILE A 441 -18.75 22.70 10.98
CA ILE A 441 -17.81 23.03 12.03
C ILE A 441 -16.83 21.89 12.25
N TRP A 442 -17.36 20.66 12.33
CA TRP A 442 -16.48 19.52 12.50
C TRP A 442 -15.52 19.38 11.32
N ALA A 443 -16.03 19.57 10.10
CA ALA A 443 -15.21 19.39 8.91
C ALA A 443 -14.06 20.40 8.86
N GLU A 444 -14.30 21.64 9.26
CA GLU A 444 -13.23 22.63 9.21
C GLU A 444 -12.18 22.37 10.30
N GLU A 445 -12.61 21.73 11.36
CA GLU A 445 -11.64 21.31 12.38
C GLU A 445 -10.76 20.22 11.75
N VAL A 446 -11.36 19.31 11.01
CA VAL A 446 -10.60 18.26 10.35
C VAL A 446 -9.65 18.86 9.30
N ILE A 447 -10.14 19.83 8.53
CA ILE A 447 -9.36 20.41 7.45
C ILE A 447 -8.16 21.18 7.98
N ARG A 448 -8.34 21.92 9.08
CA ARG A 448 -7.24 22.70 9.61
C ARG A 448 -6.08 21.80 10.01
N LEU A 449 -6.38 20.70 10.70
CA LEU A 449 -5.34 19.77 11.10
C LEU A 449 -4.74 19.07 9.89
N GLY A 450 -5.58 18.63 8.95
CA GLY A 450 -5.06 17.91 7.81
C GLY A 450 -4.11 18.74 6.97
N ARG A 451 -4.43 20.02 6.76
CA ARG A 451 -3.60 20.86 5.92
C ARG A 451 -2.31 21.26 6.61
N ALA A 452 -2.25 21.17 7.94
CA ALA A 452 -1.05 21.53 8.68
C ALA A 452 -0.15 20.33 8.94
N MET A 453 -0.61 19.11 8.65
CA MET A 453 0.03 17.91 9.16
C MET A 453 1.42 17.69 8.56
N ILE A 454 1.62 18.03 7.29
CA ILE A 454 2.95 18.05 6.69
C ILE A 454 3.22 19.47 6.20
N PRO A 455 4.17 20.19 6.79
CA PRO A 455 4.41 21.58 6.34
C PRO A 455 4.75 21.68 4.87
N GLU A 456 5.35 20.64 4.29
CA GLU A 456 5.74 20.67 2.88
C GLU A 456 4.53 20.73 1.95
N PHE A 457 3.33 20.41 2.42
CA PHE A 457 2.12 20.68 1.64
C PHE A 457 2.15 22.10 1.05
N ASP A 458 2.67 23.06 1.81
CA ASP A 458 2.62 24.46 1.38
C ASP A 458 3.50 24.70 0.17
N ASP A 459 4.72 24.15 0.17
CA ASP A 459 5.61 24.34 -0.97
C ASP A 459 5.11 23.58 -2.19
N ILE A 460 4.60 22.37 -1.98
CA ILE A 460 4.26 21.49 -3.09
C ILE A 460 2.85 21.71 -3.62
N ILE A 461 1.95 22.26 -2.82
CA ILE A 461 0.55 22.31 -3.20
C ILE A 461 -0.02 23.71 -3.04
N PHE A 462 -0.04 24.24 -1.82
CA PHE A 462 -0.79 25.46 -1.57
C PHE A 462 -0.26 26.64 -2.37
N LYS A 463 1.04 26.66 -2.68
CA LYS A 463 1.61 27.77 -3.44
C LYS A 463 1.73 27.41 -4.92
ZN ZN B . -4.37 0.62 -7.77
C ACT C . 5.55 -26.50 0.78
O ACT C . 5.58 -25.79 -0.29
OXT ACT C . 5.80 -26.16 1.96
CH3 ACT C . 5.09 -28.02 0.64
H1 ACT C . 5.88 -28.58 0.52
H2 ACT C . 4.51 -28.11 -0.13
H3 ACT C . 4.62 -28.29 1.43
#